data_6S22
#
_entry.id   6S22
#
_cell.length_a   50.957
_cell.length_b   104.823
_cell.length_c   143.466
_cell.angle_alpha   90.00
_cell.angle_beta   90.00
_cell.angle_gamma   90.00
#
_symmetry.space_group_name_H-M   'P 21 21 21'
#
loop_
_entity.id
_entity.type
_entity.pdbx_description
1 polymer 'Polypeptide N-acetylgalactosaminyltransferase'
2 polymer 'Fibroblast growth factor 23'
3 non-polymer 1,2-ETHANEDIOL
4 non-polymer 'SULFATE ION'
5 non-polymer "URIDINE-5'-DIPHOSPHATE"
6 non-polymer 'MANGANESE (II) ION'
7 non-polymer 2-acetamido-2-deoxy-beta-D-glucopyranose
8 non-polymer GLYCEROL
9 non-polymer 2-acetamido-2-deoxy-beta-D-galactopyranose
10 water water
#
loop_
_entity_poly.entity_id
_entity_poly.type
_entity_poly.pdbx_seq_one_letter_code
_entity_poly.pdbx_strand_id
1 'polypeptide(L)'
;MALKKAPKLFKTFFHWKLWKFSIIVFVFLVFLFLLQREVGVQDFKDEAGIEPVVGKKSHVLGLVLNAMNNIKGAKPKMQI
KAPIRQTKVPGERHCLPGHYTPVELKPFLDRPLQDPNAPGASGKAFKTINLNSEEQKEKQAGEEKHCFNAFASDRISLHR
DLGPDTRPPECIEQKFKRCPPLPTTSIIIVFHNEAWSTLLRTVHSVMYTSPAILLKEIILVDDASVDEYLHDKLDEYVKQ
FQIVKVVRQKERKGLITARLLGASVATGETLTFLDAHCECFYGWLEPLLARIAENPVAVVSPDIASIDLNTFEFSKPSPY
GHSHNRGNFDWSLSFGWESLPKHENKRRKDETYPIRTPTFAGGLFSISKDYFEYIGSYDEEMEIWGGENIEMSFRVWQCG
GQLEIMPCSVVGHVFRSKSPHTFPKGTQVITRNQVRLAEVWMDEYKEIFYRRNTEAAKIVKQKTFGDISKRIDLRQRLQC
KNFTWYLSNVYPEAYVPDLNPLFSGYLKNIGNRMCLDVGENNHGGKPLIMYSCHGLGGNQYFEYSAHHEIRHNIQKELCL
HASKGPVQLRECTYKGQKTFAVGEEQWLHQKDQTLYNEALHMCLTGNGEHPSLASCNPSDPFQKWIFGQND
;
A
2 'polypeptide(L)' NTPIPRRHTRSA F
#
loop_
_chem_comp.id
_chem_comp.type
_chem_comp.name
_chem_comp.formula
EDO non-polymer 1,2-ETHANEDIOL 'C2 H6 O2'
GOL non-polymer GLYCEROL 'C3 H8 O3'
MN non-polymer 'MANGANESE (II) ION' 'Mn 2'
NAG D-saccharide, beta linking 2-acetamido-2-deoxy-beta-D-glucopyranose 'C8 H15 N O6'
NGA D-saccharide, beta linking 2-acetamido-2-deoxy-beta-D-galactopyranose 'C8 H15 N O6'
SO4 non-polymer 'SULFATE ION' 'O4 S -2'
UDP RNA linking URIDINE-5'-DIPHOSPHATE 'C9 H14 N2 O12 P2'
#
# COMPACT_ATOMS: atom_id res chain seq x y z
N HIS A 94 -22.97 4.75 -32.03
CA HIS A 94 -22.05 3.65 -31.46
C HIS A 94 -22.56 3.10 -30.11
N CYS A 95 -23.83 3.31 -29.79
CA CYS A 95 -24.39 3.07 -28.43
C CYS A 95 -25.59 2.14 -28.59
N LEU A 96 -25.37 0.84 -28.42
CA LEU A 96 -26.39 -0.23 -28.63
C LEU A 96 -27.21 -0.46 -27.37
N PRO A 97 -28.49 -0.90 -27.54
CA PRO A 97 -29.38 -1.25 -26.43
C PRO A 97 -28.94 -2.56 -25.76
N GLY A 98 -29.45 -2.81 -24.58
CA GLY A 98 -29.32 -4.09 -23.86
C GLY A 98 -27.93 -4.29 -23.25
N HIS A 99 -27.57 -5.54 -22.99
CA HIS A 99 -26.38 -5.93 -22.20
C HIS A 99 -25.49 -6.78 -23.08
N TYR A 100 -24.18 -6.76 -22.84
CA TYR A 100 -23.25 -7.60 -23.63
C TYR A 100 -23.57 -9.07 -23.37
N THR A 101 -23.54 -9.90 -24.41
CA THR A 101 -23.68 -11.37 -24.24
C THR A 101 -22.33 -11.98 -23.88
N PRO A 102 -22.35 -13.15 -23.22
CA PRO A 102 -21.13 -13.89 -22.91
C PRO A 102 -20.25 -14.07 -24.14
N VAL A 103 -20.84 -14.33 -25.31
CA VAL A 103 -20.04 -14.50 -26.55
C VAL A 103 -19.41 -13.17 -26.95
N GLU A 104 -20.11 -12.05 -26.82
CA GLU A 104 -19.50 -10.72 -27.11
C GLU A 104 -18.27 -10.47 -26.22
N LEU A 105 -18.26 -11.00 -25.00
CA LEU A 105 -17.19 -10.77 -24.01
C LEU A 105 -16.20 -11.95 -24.00
N LYS A 106 -16.18 -12.80 -25.02
CA LYS A 106 -15.26 -13.96 -24.96
C LYS A 106 -13.82 -13.44 -24.85
N PRO A 107 -12.92 -14.17 -24.19
CA PRO A 107 -11.58 -13.65 -23.96
C PRO A 107 -10.72 -13.60 -25.21
N PHE A 108 -9.66 -12.80 -25.11
CA PHE A 108 -8.67 -12.59 -26.17
C PHE A 108 -8.01 -13.92 -26.60
N LEU A 109 -7.74 -14.83 -25.67
CA LEU A 109 -7.12 -16.18 -25.94
C LEU A 109 -7.84 -17.19 -25.04
N ASP A 110 -8.19 -18.37 -25.55
CA ASP A 110 -8.90 -19.41 -24.78
C ASP A 110 -7.85 -20.17 -23.99
N ARG A 111 -8.07 -20.36 -22.69
CA ARG A 111 -7.08 -21.06 -21.82
C ARG A 111 -7.03 -22.53 -22.22
N PRO A 112 -5.86 -23.12 -22.52
CA PRO A 112 -5.76 -24.56 -22.76
C PRO A 112 -6.23 -25.33 -21.52
N LEU A 113 -6.75 -26.53 -21.74
CA LEU A 113 -7.21 -27.41 -20.64
C LEU A 113 -6.04 -27.65 -19.71
N GLN A 114 -6.31 -27.61 -18.41
CA GLN A 114 -5.18 -27.74 -17.48
C GLN A 114 -5.24 -29.10 -16.80
N ASP A 115 -4.08 -29.52 -16.34
CA ASP A 115 -3.85 -30.76 -15.60
C ASP A 115 -4.23 -30.52 -14.14
N PRO A 116 -5.34 -31.06 -13.59
CA PRO A 116 -5.74 -30.77 -12.22
C PRO A 116 -4.77 -31.26 -11.14
N ASN A 117 -3.84 -32.14 -11.49
CA ASN A 117 -2.87 -32.72 -10.51
C ASN A 117 -1.48 -32.14 -10.78
N ALA A 118 -1.35 -31.18 -11.69
CA ALA A 118 -0.06 -30.47 -11.93
C ALA A 118 0.30 -29.59 -10.73
N PRO A 119 1.59 -29.17 -10.57
CA PRO A 119 2.00 -28.30 -9.47
C PRO A 119 1.29 -26.94 -9.48
N GLY A 120 0.65 -26.58 -8.37
CA GLY A 120 -0.11 -25.32 -8.25
C GLY A 120 -1.35 -25.30 -9.12
N ALA A 121 -1.85 -26.43 -9.60
CA ALA A 121 -3.06 -26.45 -10.42
C ALA A 121 -4.17 -25.73 -9.65
N SER A 122 -5.00 -24.95 -10.37
CA SER A 122 -6.23 -24.33 -9.82
C SER A 122 -5.89 -23.37 -8.67
N GLY A 123 -4.64 -22.93 -8.55
CA GLY A 123 -4.22 -21.97 -7.50
C GLY A 123 -3.83 -22.61 -6.17
N LYS A 124 -3.75 -23.94 -6.11
CA LYS A 124 -3.39 -24.70 -4.89
C LYS A 124 -1.93 -24.43 -4.52
N ALA A 125 -1.60 -24.64 -3.24
CA ALA A 125 -0.22 -24.52 -2.71
C ALA A 125 0.72 -25.48 -3.44
N PHE A 126 1.91 -25.02 -3.74
CA PHE A 126 3.02 -25.90 -4.17
C PHE A 126 4.03 -25.94 -3.01
N LYS A 127 4.08 -27.04 -2.27
CA LYS A 127 5.09 -27.27 -1.22
C LYS A 127 6.29 -27.92 -1.91
N THR A 128 7.41 -27.20 -1.95
CA THR A 128 8.73 -27.57 -2.52
C THR A 128 9.65 -28.05 -1.38
N ILE A 129 9.55 -29.32 -1.00
CA ILE A 129 10.16 -29.88 0.24
C ILE A 129 10.89 -31.18 -0.11
N ASN A 130 11.99 -31.48 0.59
CA ASN A 130 12.89 -32.64 0.32
C ASN A 130 13.35 -32.55 -1.14
N LEU A 131 14.19 -31.56 -1.43
CA LEU A 131 14.84 -31.29 -2.73
C LEU A 131 16.24 -31.90 -2.75
N ASN A 132 16.66 -32.44 -3.90
CA ASN A 132 18.08 -32.84 -4.15
C ASN A 132 18.96 -31.59 -3.91
N SER A 133 20.29 -31.77 -4.05
CA SER A 133 21.33 -30.82 -3.58
C SER A 133 21.40 -29.61 -4.53
N GLU A 134 21.39 -29.85 -5.84
CA GLU A 134 21.30 -28.81 -6.88
C GLU A 134 19.99 -28.01 -6.69
N GLU A 135 18.87 -28.71 -6.51
CA GLU A 135 17.50 -28.16 -6.35
C GLU A 135 17.50 -27.12 -5.21
N GLN A 136 18.10 -27.43 -4.06
CA GLN A 136 18.17 -26.51 -2.88
C GLN A 136 18.99 -25.26 -3.22
N LYS A 137 19.99 -25.39 -4.11
CA LYS A 137 20.84 -24.24 -4.53
C LYS A 137 20.05 -23.35 -5.49
N GLU A 138 19.26 -23.94 -6.39
CA GLU A 138 18.37 -23.19 -7.33
C GLU A 138 17.36 -22.37 -6.52
N LYS A 139 16.63 -23.02 -5.63
CA LYS A 139 15.59 -22.36 -4.79
C LYS A 139 16.23 -21.21 -4.03
N GLN A 140 17.43 -21.41 -3.49
CA GLN A 140 18.11 -20.41 -2.63
C GLN A 140 18.49 -19.22 -3.51
N ALA A 141 19.01 -19.49 -4.72
CA ALA A 141 19.39 -18.47 -5.73
C ALA A 141 18.16 -17.63 -6.12
N GLY A 142 17.08 -18.30 -6.54
CA GLY A 142 15.79 -17.66 -6.86
C GLY A 142 15.30 -16.75 -5.75
N GLU A 143 15.18 -17.28 -4.53
CA GLU A 143 14.83 -16.50 -3.31
C GLU A 143 15.66 -15.22 -3.20
N GLU A 144 16.97 -15.26 -3.48
CA GLU A 144 17.84 -14.09 -3.22
C GLU A 144 17.66 -13.08 -4.36
N LYS A 145 17.34 -13.56 -5.56
CA LYS A 145 17.19 -12.67 -6.74
C LYS A 145 15.80 -11.99 -6.73
N HIS A 146 14.73 -12.71 -6.39
CA HIS A 146 13.33 -12.28 -6.64
C HIS A 146 12.56 -12.05 -5.34
N CYS A 147 13.07 -12.56 -4.21
CA CYS A 147 12.42 -12.45 -2.88
C CYS A 147 11.08 -13.17 -2.91
N PHE A 148 10.97 -14.22 -3.73
CA PHE A 148 9.86 -15.21 -3.69
C PHE A 148 10.42 -16.53 -4.19
N ASN A 149 9.66 -17.60 -3.95
CA ASN A 149 10.08 -18.97 -4.30
C ASN A 149 9.92 -19.17 -5.81
N ALA A 150 10.90 -18.64 -6.56
CA ALA A 150 11.03 -18.76 -8.04
C ALA A 150 11.16 -20.24 -8.42
N PHE A 151 11.74 -21.08 -7.57
CA PHE A 151 11.80 -22.56 -7.79
C PHE A 151 10.36 -23.07 -8.03
N ALA A 152 9.43 -22.63 -7.19
CA ALA A 152 7.99 -23.03 -7.25
C ALA A 152 7.39 -22.43 -8.54
N SER A 153 7.56 -21.12 -8.76
CA SER A 153 6.94 -20.38 -9.90
C SER A 153 7.35 -21.09 -11.19
N ASP A 154 8.62 -21.48 -11.30
CA ASP A 154 9.18 -22.07 -12.53
C ASP A 154 8.62 -23.46 -12.78
N ARG A 155 7.99 -24.10 -11.81
CA ARG A 155 7.42 -25.46 -12.02
C ARG A 155 5.89 -25.38 -12.12
N ILE A 156 5.31 -24.17 -12.03
CA ILE A 156 3.84 -23.96 -12.13
C ILE A 156 3.56 -23.45 -13.54
N SER A 157 2.48 -23.95 -14.15
CA SER A 157 2.07 -23.65 -15.53
C SER A 157 1.98 -22.13 -15.70
N LEU A 158 2.39 -21.56 -16.83
CA LEU A 158 2.06 -20.13 -17.13
C LEU A 158 0.55 -19.96 -17.39
N HIS A 159 -0.19 -21.06 -17.54
CA HIS A 159 -1.58 -21.14 -18.03
C HIS A 159 -2.51 -21.59 -16.90
N ARG A 160 -2.00 -21.79 -15.67
CA ARG A 160 -2.80 -22.40 -14.55
C ARG A 160 -4.13 -21.64 -14.46
N ASP A 161 -5.26 -22.35 -14.35
CA ASP A 161 -6.55 -21.75 -13.98
C ASP A 161 -6.50 -21.52 -12.48
N LEU A 162 -7.59 -21.00 -11.91
CA LEU A 162 -7.70 -20.73 -10.47
C LEU A 162 -8.94 -21.43 -9.96
N GLY A 163 -9.31 -22.52 -10.63
CA GLY A 163 -10.43 -23.36 -10.18
C GLY A 163 -11.77 -22.70 -10.41
N PRO A 164 -12.80 -23.10 -9.64
CA PRO A 164 -14.14 -22.55 -9.80
C PRO A 164 -14.11 -21.07 -9.38
N ASP A 165 -15.02 -20.30 -9.97
CA ASP A 165 -15.24 -18.89 -9.62
C ASP A 165 -15.99 -18.87 -8.29
N THR A 166 -15.36 -18.36 -7.24
CA THR A 166 -15.84 -18.34 -5.85
C THR A 166 -16.29 -16.93 -5.46
N ARG A 167 -16.56 -16.04 -6.42
CA ARG A 167 -16.99 -14.66 -6.08
C ARG A 167 -18.43 -14.70 -5.60
N PRO A 168 -18.90 -13.66 -4.90
CA PRO A 168 -20.33 -13.56 -4.60
C PRO A 168 -21.17 -13.73 -5.86
N PRO A 169 -22.36 -14.34 -5.72
CA PRO A 169 -23.20 -14.60 -6.87
C PRO A 169 -23.55 -13.35 -7.70
N GLU A 170 -23.76 -12.20 -7.06
CA GLU A 170 -24.11 -10.97 -7.82
C GLU A 170 -22.92 -10.58 -8.72
N CYS A 171 -21.67 -10.90 -8.35
CA CYS A 171 -20.47 -10.66 -9.22
C CYS A 171 -20.51 -11.60 -10.42
N ILE A 172 -20.80 -12.88 -10.18
CA ILE A 172 -20.79 -13.90 -11.26
C ILE A 172 -21.93 -13.60 -12.26
N GLU A 173 -23.08 -13.14 -11.80
CA GLU A 173 -24.27 -12.96 -12.66
C GLU A 173 -24.28 -11.56 -13.30
N GLN A 174 -23.33 -10.71 -12.95
CA GLN A 174 -23.42 -9.27 -13.32
C GLN A 174 -23.48 -9.15 -14.84
N LYS A 175 -24.38 -8.30 -15.31
CA LYS A 175 -24.49 -7.92 -16.73
C LYS A 175 -24.08 -6.45 -16.91
N PHE A 176 -23.55 -6.13 -18.08
CA PHE A 176 -23.00 -4.79 -18.40
C PHE A 176 -23.75 -4.23 -19.60
N LYS A 177 -24.26 -2.99 -19.45
CA LYS A 177 -24.93 -2.26 -20.55
C LYS A 177 -23.97 -2.02 -21.71
N ARG A 178 -24.47 -2.05 -22.92
CA ARG A 178 -23.70 -1.67 -24.12
C ARG A 178 -23.72 -0.16 -24.36
N CYS A 179 -24.48 0.59 -23.57
CA CYS A 179 -24.54 2.06 -23.75
C CYS A 179 -24.64 2.70 -22.37
N PRO A 180 -23.64 3.47 -21.89
CA PRO A 180 -22.38 3.72 -22.59
C PRO A 180 -21.56 2.44 -22.78
N PRO A 181 -20.79 2.33 -23.86
CA PRO A 181 -20.09 1.09 -24.16
C PRO A 181 -18.96 0.86 -23.15
N LEU A 182 -18.57 -0.40 -23.00
CA LEU A 182 -17.33 -0.75 -22.29
C LEU A 182 -16.15 -0.16 -23.07
N PRO A 183 -15.29 0.64 -22.42
CA PRO A 183 -14.16 1.24 -23.11
C PRO A 183 -13.06 0.21 -23.32
N THR A 184 -12.23 0.43 -24.34
CA THR A 184 -10.97 -0.32 -24.52
C THR A 184 -9.97 0.07 -23.42
N THR A 185 -9.01 -0.81 -23.18
CA THR A 185 -7.93 -0.59 -22.21
C THR A 185 -6.60 -0.98 -22.81
N SER A 186 -5.59 -0.21 -22.44
CA SER A 186 -4.16 -0.53 -22.57
C SER A 186 -3.65 -1.03 -21.22
N ILE A 187 -3.28 -2.30 -21.15
CA ILE A 187 -2.60 -2.85 -19.97
C ILE A 187 -1.17 -2.30 -19.99
N ILE A 188 -0.71 -1.78 -18.86
CA ILE A 188 0.67 -1.28 -18.68
C ILE A 188 1.29 -2.01 -17.51
N ILE A 189 2.28 -2.83 -17.80
CA ILE A 189 3.07 -3.60 -16.83
C ILE A 189 4.51 -3.10 -16.90
N VAL A 190 5.01 -2.60 -15.77
CA VAL A 190 6.43 -2.20 -15.61
C VAL A 190 7.17 -3.33 -14.91
N PHE A 191 8.36 -3.69 -15.38
CA PHE A 191 9.15 -4.81 -14.83
C PHE A 191 10.62 -4.39 -14.77
N HIS A 192 11.35 -4.99 -13.84
CA HIS A 192 12.81 -4.82 -13.64
C HIS A 192 13.37 -6.16 -13.15
N ASN A 193 13.97 -6.95 -14.01
CA ASN A 193 14.63 -8.22 -13.60
C ASN A 193 13.57 -9.19 -13.04
N GLU A 194 12.36 -9.16 -13.60
CA GLU A 194 11.26 -10.05 -13.18
C GLU A 194 11.66 -11.46 -13.59
N ALA A 195 11.30 -12.47 -12.81
CA ALA A 195 11.36 -13.86 -13.27
C ALA A 195 10.52 -14.00 -14.57
N TRP A 196 10.98 -14.83 -15.50
CA TRP A 196 10.23 -15.16 -16.73
C TRP A 196 8.89 -15.82 -16.36
N SER A 197 8.89 -16.73 -15.40
CA SER A 197 7.69 -17.54 -15.05
C SER A 197 6.56 -16.57 -14.63
N THR A 198 6.93 -15.56 -13.86
CA THR A 198 5.98 -14.64 -13.16
C THR A 198 5.52 -13.55 -14.16
N LEU A 199 6.43 -12.94 -14.93
CA LEU A 199 6.08 -11.95 -15.98
C LEU A 199 5.15 -12.58 -17.03
N LEU A 200 5.48 -13.74 -17.57
CA LEU A 200 4.65 -14.29 -18.67
C LEU A 200 3.40 -14.95 -18.10
N ARG A 201 3.40 -15.46 -16.87
CA ARG A 201 2.12 -15.92 -16.26
C ARG A 201 1.17 -14.69 -16.15
N THR A 202 1.70 -13.53 -15.79
CA THR A 202 0.91 -12.28 -15.71
C THR A 202 0.28 -12.01 -17.08
N VAL A 203 1.09 -12.02 -18.12
CA VAL A 203 0.63 -11.65 -19.49
C VAL A 203 -0.36 -12.70 -19.98
N HIS A 204 -0.09 -13.99 -19.75
CA HIS A 204 -1.04 -15.06 -20.18
C HIS A 204 -2.36 -14.87 -19.41
N SER A 205 -2.27 -14.68 -18.08
CA SER A 205 -3.48 -14.48 -17.24
C SER A 205 -4.39 -13.40 -17.85
N VAL A 206 -3.79 -12.27 -18.19
CA VAL A 206 -4.50 -11.08 -18.77
C VAL A 206 -5.21 -11.55 -20.04
N MET A 207 -4.51 -12.27 -20.93
CA MET A 207 -5.09 -12.66 -22.24
C MET A 207 -6.21 -13.69 -22.05
N TYR A 208 -6.08 -14.61 -21.10
CA TYR A 208 -7.10 -15.66 -20.89
C TYR A 208 -8.35 -15.15 -20.19
N THR A 209 -8.28 -13.98 -19.51
CA THR A 209 -9.40 -13.53 -18.65
C THR A 209 -10.05 -12.26 -19.20
N SER A 210 -9.39 -11.53 -20.08
CA SER A 210 -9.86 -10.20 -20.54
C SER A 210 -10.64 -10.37 -21.84
N PRO A 211 -11.87 -9.85 -21.94
CA PRO A 211 -12.58 -9.80 -23.21
C PRO A 211 -11.77 -9.20 -24.36
N ALA A 212 -11.76 -9.92 -25.48
CA ALA A 212 -11.06 -9.50 -26.73
C ALA A 212 -11.49 -8.08 -27.08
N ILE A 213 -12.78 -7.74 -26.91
CA ILE A 213 -13.29 -6.43 -27.37
C ILE A 213 -12.74 -5.29 -26.49
N LEU A 214 -12.21 -5.60 -25.32
CA LEU A 214 -11.66 -4.56 -24.39
C LEU A 214 -10.14 -4.46 -24.46
N LEU A 215 -9.48 -5.57 -24.83
CA LEU A 215 -8.03 -5.67 -24.66
C LEU A 215 -7.37 -5.09 -25.91
N LYS A 216 -7.06 -3.80 -25.89
CA LYS A 216 -6.46 -3.12 -27.06
C LYS A 216 -4.98 -3.49 -27.21
N GLU A 217 -4.24 -3.54 -26.10
CA GLU A 217 -2.78 -3.77 -26.12
C GLU A 217 -2.32 -4.07 -24.71
N ILE A 218 -1.23 -4.80 -24.62
CA ILE A 218 -0.44 -5.06 -23.41
C ILE A 218 0.91 -4.41 -23.62
N ILE A 219 1.19 -3.36 -22.83
CA ILE A 219 2.48 -2.65 -22.90
C ILE A 219 3.32 -3.09 -21.71
N LEU A 220 4.44 -3.71 -22.01
CA LEU A 220 5.44 -4.17 -21.02
C LEU A 220 6.55 -3.11 -21.03
N VAL A 221 6.73 -2.35 -19.95
CA VAL A 221 7.78 -1.30 -19.86
C VAL A 221 8.98 -1.88 -19.09
N ASP A 222 10.07 -2.16 -19.79
CA ASP A 222 11.36 -2.65 -19.23
C ASP A 222 12.08 -1.48 -18.57
N ASP A 223 12.14 -1.46 -17.22
CA ASP A 223 12.91 -0.43 -16.48
C ASP A 223 14.37 -0.91 -16.36
N ALA A 224 15.08 -0.94 -17.48
CA ALA A 224 16.52 -1.27 -17.62
C ALA A 224 16.85 -2.60 -16.98
N SER A 225 16.11 -3.65 -17.30
CA SER A 225 16.45 -5.03 -16.90
C SER A 225 17.83 -5.38 -17.48
N VAL A 226 18.61 -6.13 -16.69
CA VAL A 226 19.94 -6.70 -17.04
C VAL A 226 19.71 -8.11 -17.63
N ASP A 227 18.91 -8.94 -16.95
CA ASP A 227 18.63 -10.35 -17.36
C ASP A 227 18.47 -10.38 -18.89
N GLU A 228 19.31 -11.15 -19.58
CA GLU A 228 19.37 -11.18 -21.07
C GLU A 228 18.08 -11.77 -21.65
N TYR A 229 17.46 -12.75 -20.98
CA TYR A 229 16.19 -13.41 -21.41
C TYR A 229 15.05 -12.36 -21.47
N LEU A 230 15.19 -11.19 -20.83
CA LEU A 230 14.19 -10.10 -20.87
C LEU A 230 14.44 -9.16 -22.04
N HIS A 231 15.40 -9.49 -22.92
CA HIS A 231 15.74 -8.63 -24.09
C HIS A 231 15.16 -9.29 -25.33
N ASP A 232 15.98 -9.92 -26.18
CA ASP A 232 15.52 -10.37 -27.53
C ASP A 232 14.54 -11.55 -27.38
N LYS A 233 14.80 -12.47 -26.46
CA LYS A 233 13.95 -13.66 -26.24
C LYS A 233 12.51 -13.21 -25.90
N LEU A 234 12.33 -12.23 -25.01
CA LEU A 234 11.01 -11.65 -24.64
C LEU A 234 10.37 -11.01 -25.87
N ASP A 235 11.11 -10.17 -26.58
CA ASP A 235 10.64 -9.46 -27.79
C ASP A 235 10.06 -10.46 -28.79
N GLU A 236 10.72 -11.60 -29.00
CA GLU A 236 10.36 -12.59 -30.05
C GLU A 236 9.18 -13.41 -29.53
N TYR A 237 9.23 -13.80 -28.27
CA TYR A 237 8.18 -14.65 -27.65
C TYR A 237 6.82 -13.93 -27.77
N VAL A 238 6.83 -12.61 -27.60
CA VAL A 238 5.62 -11.76 -27.42
C VAL A 238 4.96 -11.49 -28.79
N LYS A 239 5.71 -11.59 -29.90
CA LYS A 239 5.15 -11.30 -31.26
C LYS A 239 3.88 -12.12 -31.51
N GLN A 240 3.85 -13.38 -31.12
CA GLN A 240 2.70 -14.25 -31.51
C GLN A 240 1.35 -13.65 -31.03
N PHE A 241 1.33 -12.90 -29.93
CA PHE A 241 0.08 -12.41 -29.30
C PHE A 241 -0.47 -11.20 -30.04
N GLN A 242 0.33 -10.60 -30.93
CA GLN A 242 -0.06 -9.51 -31.86
C GLN A 242 -0.22 -8.18 -31.10
N ILE A 243 -0.75 -8.18 -29.86
CA ILE A 243 -1.11 -6.90 -29.15
C ILE A 243 -0.12 -6.55 -28.02
N VAL A 244 0.92 -7.35 -27.83
CA VAL A 244 1.92 -7.15 -26.75
C VAL A 244 3.12 -6.42 -27.34
N LYS A 245 3.56 -5.36 -26.69
CA LYS A 245 4.67 -4.48 -27.12
C LYS A 245 5.58 -4.31 -25.91
N VAL A 246 6.89 -4.40 -26.11
CA VAL A 246 7.91 -4.06 -25.07
C VAL A 246 8.42 -2.65 -25.37
N VAL A 247 8.35 -1.77 -24.37
CA VAL A 247 8.97 -0.42 -24.43
C VAL A 247 10.18 -0.44 -23.50
N ARG A 248 11.35 -0.04 -24.00
CA ARG A 248 12.64 -0.13 -23.27
C ARG A 248 12.97 1.25 -22.69
N GLN A 249 13.03 1.36 -21.36
CA GLN A 249 13.57 2.54 -20.65
C GLN A 249 15.05 2.21 -20.48
N LYS A 250 15.92 2.98 -21.14
CA LYS A 250 17.36 2.63 -21.37
C LYS A 250 18.14 2.67 -20.05
N GLU A 251 17.86 3.66 -19.21
CA GLU A 251 18.45 3.77 -17.85
C GLU A 251 17.37 3.59 -16.78
N ARG A 252 17.73 2.93 -15.68
CA ARG A 252 16.80 2.67 -14.55
C ARG A 252 16.33 3.98 -13.95
N LYS A 253 15.07 4.38 -14.18
CA LYS A 253 14.45 5.62 -13.61
C LYS A 253 13.25 5.28 -12.71
N GLY A 254 12.86 4.01 -12.61
CA GLY A 254 11.86 3.56 -11.63
C GLY A 254 10.44 3.53 -12.20
N LEU A 255 9.50 3.06 -11.38
CA LEU A 255 8.09 2.78 -11.74
C LEU A 255 7.43 4.05 -12.25
N ILE A 256 7.68 5.23 -11.65
CA ILE A 256 6.87 6.43 -11.98
C ILE A 256 7.14 6.78 -13.44
N THR A 257 8.42 6.95 -13.79
CA THR A 257 8.85 7.34 -15.16
C THR A 257 8.40 6.27 -16.16
N ALA A 258 8.50 5.01 -15.79
CA ALA A 258 8.13 3.84 -16.61
C ALA A 258 6.63 3.91 -16.90
N ARG A 259 5.80 4.20 -15.89
CA ARG A 259 4.34 4.27 -16.10
C ARG A 259 4.04 5.43 -17.05
N LEU A 260 4.68 6.60 -16.87
CA LEU A 260 4.39 7.79 -17.74
C LEU A 260 4.77 7.49 -19.19
N LEU A 261 5.85 6.73 -19.39
CA LEU A 261 6.31 6.30 -20.74
C LEU A 261 5.25 5.38 -21.35
N GLY A 262 4.81 4.42 -20.56
CA GLY A 262 3.73 3.51 -20.98
C GLY A 262 2.50 4.30 -21.38
N ALA A 263 2.06 5.25 -20.54
CA ALA A 263 0.83 6.03 -20.81
C ALA A 263 0.98 6.88 -22.09
N SER A 264 2.19 7.43 -22.35
CA SER A 264 2.48 8.30 -23.52
C SER A 264 2.29 7.53 -24.82
N VAL A 265 2.51 6.22 -24.88
CA VAL A 265 2.33 5.46 -26.16
C VAL A 265 0.99 4.70 -26.20
N ALA A 266 0.27 4.57 -25.09
CA ALA A 266 -0.98 3.79 -25.05
C ALA A 266 -2.01 4.42 -25.99
N THR A 267 -2.80 3.61 -26.68
CA THR A 267 -3.90 4.13 -27.53
C THR A 267 -5.24 3.66 -26.98
N GLY A 268 -5.28 2.91 -25.86
CA GLY A 268 -6.59 2.54 -25.26
C GLY A 268 -7.38 3.75 -24.80
N GLU A 269 -8.68 3.62 -24.63
CA GLU A 269 -9.49 4.68 -24.01
C GLU A 269 -9.18 4.76 -22.50
N THR A 270 -8.82 3.63 -21.91
CA THR A 270 -8.46 3.58 -20.46
C THR A 270 -7.08 3.01 -20.37
N LEU A 271 -6.42 3.26 -19.25
CA LEU A 271 -5.14 2.62 -18.85
C LEU A 271 -5.43 1.69 -17.69
N THR A 272 -4.87 0.49 -17.75
CA THR A 272 -4.94 -0.47 -16.62
C THR A 272 -3.52 -0.84 -16.25
N PHE A 273 -3.06 -0.36 -15.10
CA PHE A 273 -1.74 -0.70 -14.52
C PHE A 273 -1.84 -1.99 -13.70
N LEU A 274 -0.91 -2.92 -13.93
CA LEU A 274 -0.69 -4.15 -13.16
C LEU A 274 0.82 -4.26 -12.89
N ASP A 275 1.24 -4.96 -11.84
CA ASP A 275 2.65 -5.41 -11.62
C ASP A 275 2.91 -6.69 -12.46
N ALA A 276 4.16 -7.13 -12.51
CA ALA A 276 4.69 -8.23 -13.35
C ALA A 276 4.64 -9.58 -12.62
N HIS A 277 3.94 -9.65 -11.50
CA HIS A 277 3.78 -10.86 -10.66
C HIS A 277 2.33 -10.90 -10.17
N CYS A 278 1.38 -10.85 -11.11
CA CYS A 278 -0.07 -10.84 -10.86
C CYS A 278 -0.72 -11.99 -11.61
N GLU A 279 -1.86 -12.44 -11.11
CA GLU A 279 -2.75 -13.37 -11.80
C GLU A 279 -4.17 -12.82 -11.71
N CYS A 280 -4.81 -12.62 -12.86
CA CYS A 280 -6.21 -12.13 -12.96
C CYS A 280 -7.22 -13.22 -12.63
N PHE A 281 -8.22 -12.91 -11.82
CA PHE A 281 -9.36 -13.81 -11.62
C PHE A 281 -10.36 -13.60 -12.75
N TYR A 282 -11.30 -14.54 -12.87
CA TYR A 282 -12.41 -14.53 -13.84
C TYR A 282 -13.13 -13.21 -13.61
N GLY A 283 -13.44 -12.53 -14.70
CA GLY A 283 -14.38 -11.40 -14.70
C GLY A 283 -13.74 -10.15 -14.13
N TRP A 284 -12.41 -10.07 -14.02
CA TRP A 284 -11.74 -8.97 -13.28
C TRP A 284 -11.85 -7.63 -14.01
N LEU A 285 -11.89 -7.65 -15.35
CA LEU A 285 -11.74 -6.39 -16.12
C LEU A 285 -13.07 -5.64 -16.28
N GLU A 286 -14.17 -6.32 -16.59
CA GLU A 286 -15.46 -5.66 -16.90
C GLU A 286 -15.87 -4.72 -15.78
N PRO A 287 -15.79 -5.10 -14.47
CA PRO A 287 -16.26 -4.22 -13.42
C PRO A 287 -15.47 -2.90 -13.34
N LEU A 288 -14.18 -2.95 -13.63
CA LEU A 288 -13.31 -1.74 -13.61
C LEU A 288 -13.72 -0.82 -14.77
N LEU A 289 -13.86 -1.39 -15.97
CA LEU A 289 -14.09 -0.60 -17.18
C LEU A 289 -15.55 -0.15 -17.22
N ALA A 290 -16.49 -0.93 -16.70
CA ALA A 290 -17.90 -0.52 -16.61
C ALA A 290 -18.01 0.70 -15.70
N ARG A 291 -17.22 0.75 -14.63
CA ARG A 291 -17.36 1.83 -13.62
C ARG A 291 -16.81 3.12 -14.25
N ILE A 292 -15.70 3.02 -14.97
CA ILE A 292 -15.14 4.19 -15.69
C ILE A 292 -16.14 4.65 -16.76
N ALA A 293 -16.79 3.75 -17.49
CA ALA A 293 -17.82 4.07 -18.50
C ALA A 293 -18.93 4.90 -17.84
N GLU A 294 -19.36 4.53 -16.64
CA GLU A 294 -20.50 5.21 -15.96
C GLU A 294 -19.99 6.54 -15.43
N ASN A 295 -18.76 6.54 -14.92
CA ASN A 295 -18.22 7.69 -14.15
C ASN A 295 -16.79 7.92 -14.59
N PRO A 296 -16.58 8.84 -15.53
CA PRO A 296 -15.25 9.05 -16.11
C PRO A 296 -14.23 9.64 -15.13
N VAL A 297 -14.61 10.09 -13.93
CA VAL A 297 -13.63 10.58 -12.92
C VAL A 297 -13.41 9.54 -11.82
N ALA A 298 -13.86 8.30 -12.02
CA ALA A 298 -13.58 7.20 -11.06
C ALA A 298 -12.24 6.57 -11.42
N VAL A 299 -11.41 6.40 -10.40
CA VAL A 299 -10.10 5.72 -10.45
C VAL A 299 -10.29 4.43 -9.64
N VAL A 300 -10.23 3.28 -10.33
CA VAL A 300 -10.85 2.05 -9.78
C VAL A 300 -9.79 0.96 -9.64
N SER A 301 -9.85 0.25 -8.52
CA SER A 301 -8.85 -0.75 -8.17
C SER A 301 -9.61 -2.06 -8.02
N PRO A 302 -9.02 -3.20 -8.43
CA PRO A 302 -9.53 -4.50 -8.00
C PRO A 302 -9.28 -4.71 -6.51
N ASP A 303 -10.04 -5.62 -5.95
CA ASP A 303 -9.71 -6.27 -4.68
C ASP A 303 -8.45 -7.10 -4.92
N ILE A 304 -7.36 -6.81 -4.23
CA ILE A 304 -6.04 -7.45 -4.49
C ILE A 304 -5.94 -8.67 -3.61
N ALA A 305 -5.91 -9.85 -4.24
CA ALA A 305 -5.76 -11.15 -3.55
C ALA A 305 -4.27 -11.41 -3.35
N SER A 306 -3.95 -12.15 -2.29
CA SER A 306 -2.56 -12.59 -1.99
C SER A 306 -2.22 -13.85 -2.80
N ILE A 307 -1.11 -13.81 -3.53
CA ILE A 307 -0.38 -15.00 -4.03
C ILE A 307 0.81 -15.24 -3.09
N ASP A 308 0.87 -16.41 -2.48
CA ASP A 308 1.81 -16.69 -1.36
C ASP A 308 3.21 -16.81 -1.98
N LEU A 309 4.16 -16.01 -1.49
CA LEU A 309 5.51 -15.88 -2.09
C LEU A 309 6.33 -17.18 -1.96
N ASN A 310 5.95 -18.11 -1.07
CA ASN A 310 6.64 -19.41 -0.88
C ASN A 310 5.92 -20.54 -1.60
N THR A 311 4.58 -20.59 -1.62
CA THR A 311 3.85 -21.74 -2.21
C THR A 311 3.10 -21.38 -3.50
N PHE A 312 2.92 -20.08 -3.78
CA PHE A 312 2.17 -19.51 -4.93
C PHE A 312 0.70 -19.90 -4.82
N GLU A 313 0.23 -20.25 -3.63
CA GLU A 313 -1.23 -20.43 -3.41
C GLU A 313 -1.92 -19.07 -3.63
N PHE A 314 -3.00 -19.10 -4.39
CA PHE A 314 -3.88 -17.93 -4.64
C PHE A 314 -4.97 -17.90 -3.58
N SER A 315 -5.07 -16.82 -2.79
CA SER A 315 -6.19 -16.65 -1.83
C SER A 315 -7.43 -16.28 -2.61
N LYS A 316 -8.33 -17.24 -2.78
CA LYS A 316 -9.51 -17.08 -3.64
C LYS A 316 -10.54 -16.24 -2.91
N PRO A 317 -11.39 -15.50 -3.65
CA PRO A 317 -12.44 -14.73 -3.04
C PRO A 317 -13.40 -15.69 -2.34
N SER A 318 -14.12 -15.21 -1.34
CA SER A 318 -15.21 -16.01 -0.72
C SER A 318 -16.56 -15.54 -1.27
N PRO A 319 -17.56 -16.44 -1.42
CA PRO A 319 -18.86 -16.05 -1.93
C PRO A 319 -19.73 -15.21 -0.98
N TYR A 320 -19.35 -15.01 0.29
CA TYR A 320 -20.01 -14.10 1.28
C TYR A 320 -19.42 -12.69 1.18
N GLY A 321 -18.20 -12.57 0.64
CA GLY A 321 -17.41 -11.32 0.56
C GLY A 321 -16.84 -10.97 1.92
N HIS A 322 -16.08 -11.89 2.54
CA HIS A 322 -15.39 -11.73 3.85
C HIS A 322 -15.08 -10.24 4.06
N SER A 323 -15.58 -9.66 5.15
CA SER A 323 -15.55 -8.20 5.45
C SER A 323 -14.35 -7.55 4.74
N HIS A 324 -14.63 -6.50 3.99
CA HIS A 324 -13.63 -5.90 3.08
C HIS A 324 -12.72 -4.96 3.86
N ASN A 325 -11.62 -4.58 3.20
CA ASN A 325 -10.68 -3.51 3.64
C ASN A 325 -10.75 -2.34 2.63
N ARG A 326 -10.55 -1.15 3.16
CA ARG A 326 -10.24 0.14 2.49
C ARG A 326 -8.74 0.39 2.64
N GLY A 327 -8.19 1.23 1.77
CA GLY A 327 -6.84 1.75 1.93
C GLY A 327 -6.87 2.96 2.83
N ASN A 328 -5.82 3.13 3.61
CA ASN A 328 -5.62 4.38 4.39
C ASN A 328 -4.17 4.82 4.24
N PHE A 329 -3.81 5.83 5.03
CA PHE A 329 -2.42 6.24 5.30
C PHE A 329 -2.25 6.41 6.81
N ASP A 330 -1.00 6.35 7.25
CA ASP A 330 -0.68 6.75 8.64
C ASP A 330 0.11 8.05 8.56
N TRP A 331 0.49 8.60 9.71
CA TRP A 331 1.11 9.94 9.74
C TRP A 331 2.63 9.83 9.52
N SER A 332 3.15 8.63 9.19
CA SER A 332 4.44 8.41 8.51
C SER A 332 4.26 8.31 6.99
N LEU A 333 3.05 8.54 6.52
CA LEU A 333 2.64 8.46 5.09
C LEU A 333 2.96 7.07 4.52
N SER A 334 2.87 6.04 5.35
CA SER A 334 2.76 4.62 4.90
C SER A 334 1.32 4.28 4.51
N PHE A 335 1.19 3.57 3.39
CA PHE A 335 -0.08 3.01 2.91
C PHE A 335 -0.44 1.89 3.89
N GLY A 336 -1.72 1.76 4.23
CA GLY A 336 -2.23 0.63 5.04
C GLY A 336 -3.66 0.28 4.66
N TRP A 337 -4.25 -0.66 5.39
CA TRP A 337 -5.56 -1.29 5.14
C TRP A 337 -6.36 -1.15 6.42
N GLU A 338 -7.65 -0.87 6.36
CA GLU A 338 -8.55 -0.80 7.54
C GLU A 338 -9.95 -1.27 7.13
N SER A 339 -10.76 -1.70 8.12
CA SER A 339 -12.17 -2.17 7.93
C SER A 339 -12.99 -1.01 7.37
N LEU A 340 -14.03 -1.34 6.62
CA LEU A 340 -15.03 -0.36 6.17
C LEU A 340 -15.73 0.19 7.41
N PRO A 341 -16.06 1.50 7.48
CA PRO A 341 -17.05 1.98 8.45
C PRO A 341 -18.48 1.48 8.16
N LYS A 342 -19.34 1.54 9.19
CA LYS A 342 -20.78 1.10 9.16
C LYS A 342 -21.51 1.83 8.03
N HIS A 343 -21.30 3.13 7.87
CA HIS A 343 -22.06 3.91 6.85
C HIS A 343 -21.80 3.31 5.46
N GLU A 344 -20.59 2.82 5.20
CA GLU A 344 -20.23 2.28 3.87
C GLU A 344 -20.84 0.87 3.69
N ASN A 345 -20.85 0.05 4.74
CA ASN A 345 -21.55 -1.27 4.74
C ASN A 345 -23.02 -1.04 4.40
N LYS A 346 -23.66 -0.01 4.96
CA LYS A 346 -25.10 0.32 4.73
C LYS A 346 -25.32 0.74 3.27
N ARG A 347 -24.46 1.60 2.72
CA ARG A 347 -24.63 2.16 1.35
C ARG A 347 -24.52 1.04 0.30
N ARG A 348 -23.59 0.09 0.52
CA ARG A 348 -23.29 -1.01 -0.45
C ARG A 348 -24.35 -2.13 -0.29
N LYS A 349 -25.38 -2.10 -1.14
CA LYS A 349 -26.54 -3.03 -1.12
C LYS A 349 -26.08 -4.43 -1.54
N ASP A 350 -25.04 -4.54 -2.40
CA ASP A 350 -24.43 -5.85 -2.76
C ASP A 350 -23.02 -5.60 -3.30
N GLU A 351 -22.31 -6.66 -3.70
CA GLU A 351 -20.84 -6.59 -3.93
C GLU A 351 -20.53 -5.85 -5.23
N THR A 352 -21.51 -5.62 -6.11
CA THR A 352 -21.26 -4.91 -7.39
C THR A 352 -21.09 -3.41 -7.11
N TYR A 353 -21.35 -2.95 -5.89
CA TYR A 353 -21.27 -1.51 -5.56
C TYR A 353 -19.81 -1.20 -5.28
N PRO A 354 -19.29 -0.06 -5.80
CA PRO A 354 -17.95 0.35 -5.45
C PRO A 354 -17.78 0.49 -3.92
N ILE A 355 -16.56 0.23 -3.45
CA ILE A 355 -16.13 0.64 -2.09
C ILE A 355 -15.36 1.95 -2.24
N ARG A 356 -15.79 3.04 -1.64
CA ARG A 356 -15.02 4.32 -1.65
C ARG A 356 -13.84 4.16 -0.69
N THR A 357 -12.63 4.51 -1.11
CA THR A 357 -11.39 4.24 -0.36
C THR A 357 -10.60 5.55 -0.20
N PRO A 358 -10.19 5.94 1.02
CA PRO A 358 -9.39 7.17 1.18
C PRO A 358 -8.10 7.15 0.38
N THR A 359 -7.44 5.98 0.31
CA THR A 359 -6.21 5.79 -0.48
C THR A 359 -6.32 4.47 -1.24
N PHE A 360 -5.43 4.31 -2.22
CA PHE A 360 -5.28 3.08 -3.02
C PHE A 360 -3.84 2.60 -2.89
N ALA A 361 -3.66 1.27 -2.99
CA ALA A 361 -2.32 0.64 -3.03
C ALA A 361 -1.54 1.15 -4.25
N GLY A 362 -2.19 1.34 -5.41
CA GLY A 362 -1.58 2.05 -6.57
C GLY A 362 -0.80 1.12 -7.50
N GLY A 363 -0.59 -0.15 -7.16
CA GLY A 363 0.06 -1.10 -8.10
C GLY A 363 -0.90 -1.50 -9.20
N LEU A 364 -2.18 -1.72 -8.85
CA LEU A 364 -3.17 -2.30 -9.77
C LEU A 364 -4.37 -1.35 -9.82
N PHE A 365 -4.64 -0.73 -10.96
CA PHE A 365 -5.85 0.13 -11.06
C PHE A 365 -6.09 0.51 -12.50
N SER A 366 -7.31 0.96 -12.78
CA SER A 366 -7.72 1.46 -14.10
C SER A 366 -8.16 2.93 -13.98
N ILE A 367 -7.96 3.68 -15.06
CA ILE A 367 -8.30 5.11 -15.20
C ILE A 367 -8.55 5.42 -16.67
N SER A 368 -9.50 6.31 -16.95
CA SER A 368 -9.66 6.95 -18.27
C SER A 368 -8.30 7.54 -18.67
N LYS A 369 -7.80 7.25 -19.86
CA LYS A 369 -6.55 7.88 -20.35
C LYS A 369 -6.70 9.39 -20.36
N ASP A 370 -7.84 9.92 -20.78
CA ASP A 370 -8.11 11.38 -20.76
C ASP A 370 -8.06 11.92 -19.33
N TYR A 371 -8.69 11.25 -18.38
CA TYR A 371 -8.69 11.73 -16.98
C TYR A 371 -7.28 11.65 -16.39
N PHE A 372 -6.52 10.60 -16.67
CA PHE A 372 -5.13 10.45 -16.17
C PHE A 372 -4.34 11.69 -16.56
N GLU A 373 -4.51 12.18 -17.81
CA GLU A 373 -3.82 13.40 -18.29
C GLU A 373 -4.38 14.62 -17.58
N TYR A 374 -5.69 14.74 -17.55
CA TYR A 374 -6.38 15.93 -17.01
C TYR A 374 -5.99 16.12 -15.55
N ILE A 375 -5.87 15.03 -14.76
CA ILE A 375 -5.69 15.14 -13.30
C ILE A 375 -4.19 15.23 -12.96
N GLY A 376 -3.28 15.31 -13.94
CA GLY A 376 -1.84 15.56 -13.72
C GLY A 376 -1.04 14.27 -13.53
N SER A 377 -1.47 13.20 -14.19
CA SER A 377 -0.70 11.95 -14.36
C SER A 377 0.02 11.63 -13.05
N TYR A 378 1.34 11.70 -13.00
CA TYR A 378 2.16 11.58 -11.78
C TYR A 378 3.07 12.82 -11.72
N ASP A 379 3.52 13.16 -10.53
CA ASP A 379 4.53 14.21 -10.31
C ASP A 379 5.85 13.68 -10.86
N GLU A 380 6.26 14.20 -12.03
CA GLU A 380 7.45 13.77 -12.82
C GLU A 380 8.75 13.90 -12.00
N GLU A 381 8.77 14.74 -10.98
CA GLU A 381 10.00 15.03 -10.17
C GLU A 381 10.16 14.02 -9.05
N MET A 382 9.17 13.15 -8.84
CA MET A 382 9.31 12.05 -7.88
C MET A 382 10.28 11.05 -8.50
N GLU A 383 11.12 10.44 -7.70
CA GLU A 383 12.19 9.55 -8.22
C GLU A 383 11.91 8.11 -7.81
N ILE A 384 12.35 7.19 -8.65
CA ILE A 384 12.21 5.73 -8.43
C ILE A 384 10.73 5.50 -8.11
N TRP A 385 10.40 5.07 -6.89
CA TRP A 385 8.99 4.95 -6.44
C TRP A 385 8.86 5.16 -4.92
N GLY A 386 7.63 5.06 -4.41
CA GLY A 386 7.31 5.30 -2.99
C GLY A 386 6.62 6.64 -2.88
N GLY A 387 5.38 6.66 -2.41
CA GLY A 387 4.62 7.91 -2.17
C GLY A 387 3.67 8.26 -3.29
N GLU A 388 3.88 7.78 -4.51
CA GLU A 388 3.08 8.25 -5.66
C GLU A 388 1.62 7.80 -5.50
N ASN A 389 1.39 6.66 -4.85
CA ASN A 389 0.02 6.16 -4.63
C ASN A 389 -0.72 7.05 -3.61
N ILE A 390 -0.03 7.52 -2.57
CA ILE A 390 -0.66 8.45 -1.58
C ILE A 390 -0.86 9.82 -2.25
N GLU A 391 0.13 10.28 -3.02
CA GLU A 391 0.02 11.58 -3.72
C GLU A 391 -1.17 11.52 -4.67
N MET A 392 -1.32 10.43 -5.40
CA MET A 392 -2.43 10.34 -6.37
C MET A 392 -3.76 10.19 -5.64
N SER A 393 -3.76 9.55 -4.48
CA SER A 393 -4.99 9.40 -3.66
C SER A 393 -5.52 10.77 -3.29
N PHE A 394 -4.67 11.60 -2.70
CA PHE A 394 -5.02 12.95 -2.23
C PHE A 394 -5.49 13.82 -3.41
N ARG A 395 -4.74 13.75 -4.51
CA ARG A 395 -5.01 14.55 -5.72
C ARG A 395 -6.36 14.18 -6.32
N VAL A 396 -6.61 12.89 -6.55
CA VAL A 396 -7.92 12.45 -7.09
C VAL A 396 -9.07 12.95 -6.22
N TRP A 397 -9.04 12.72 -4.92
CA TRP A 397 -10.14 13.14 -4.03
C TRP A 397 -10.26 14.68 -4.01
N GLN A 398 -9.15 15.36 -3.78
CA GLN A 398 -9.21 16.83 -3.56
C GLN A 398 -9.63 17.50 -4.88
N CYS A 399 -9.32 16.90 -6.02
CA CYS A 399 -9.56 17.56 -7.34
C CYS A 399 -10.87 17.09 -7.98
N GLY A 400 -11.72 16.35 -7.26
CA GLY A 400 -13.09 16.08 -7.72
C GLY A 400 -13.31 14.70 -8.33
N GLY A 401 -12.36 13.77 -8.24
CA GLY A 401 -12.60 12.39 -8.68
C GLY A 401 -13.07 11.50 -7.53
N GLN A 402 -13.20 10.20 -7.82
CA GLN A 402 -13.61 9.17 -6.84
C GLN A 402 -12.53 8.08 -6.90
N LEU A 403 -12.02 7.65 -5.74
CA LEU A 403 -11.12 6.50 -5.59
C LEU A 403 -11.91 5.30 -5.04
N GLU A 404 -12.00 4.23 -5.84
CA GLU A 404 -12.92 3.10 -5.59
C GLU A 404 -12.20 1.77 -5.72
N ILE A 405 -12.62 0.82 -4.90
CA ILE A 405 -12.26 -0.62 -5.01
C ILE A 405 -13.52 -1.32 -5.51
N MET A 406 -13.38 -2.14 -6.54
CA MET A 406 -14.50 -2.93 -7.11
C MET A 406 -14.31 -4.38 -6.68
N PRO A 407 -15.00 -4.84 -5.63
CA PRO A 407 -14.76 -6.18 -5.12
C PRO A 407 -15.13 -7.30 -6.11
N CYS A 408 -15.97 -7.08 -7.10
CA CYS A 408 -16.22 -8.10 -8.14
C CYS A 408 -14.97 -8.32 -8.99
N SER A 409 -14.03 -7.35 -8.96
CA SER A 409 -12.76 -7.40 -9.72
C SER A 409 -11.70 -7.93 -8.78
N VAL A 410 -11.13 -9.10 -9.08
CA VAL A 410 -10.10 -9.70 -8.20
C VAL A 410 -8.84 -9.96 -9.00
N VAL A 411 -7.72 -9.47 -8.51
CA VAL A 411 -6.42 -9.74 -9.16
C VAL A 411 -5.47 -10.17 -8.05
N GLY A 412 -4.79 -11.30 -8.23
CA GLY A 412 -3.80 -11.76 -7.26
C GLY A 412 -2.45 -11.10 -7.50
N HIS A 413 -1.69 -10.87 -6.43
CA HIS A 413 -0.37 -10.19 -6.41
C HIS A 413 0.56 -10.91 -5.41
N VAL A 414 1.79 -11.21 -5.84
CA VAL A 414 2.86 -11.78 -4.97
C VAL A 414 3.39 -10.64 -4.08
N PHE A 415 2.85 -10.53 -2.87
CA PHE A 415 3.33 -9.61 -1.80
C PHE A 415 4.67 -10.14 -1.28
N ARG A 416 5.61 -9.21 -1.04
CA ARG A 416 7.00 -9.52 -0.55
C ARG A 416 7.28 -8.72 0.72
N SER A 417 8.41 -9.00 1.40
CA SER A 417 8.87 -8.36 2.67
C SER A 417 7.67 -8.04 3.57
N GLY A 426 18.24 5.26 -0.95
CA GLY A 426 17.14 4.34 -0.56
C GLY A 426 16.01 5.10 0.11
N THR A 427 16.06 5.21 1.44
CA THR A 427 15.02 5.92 2.23
C THR A 427 14.95 7.40 1.80
N GLN A 428 16.06 7.97 1.31
CA GLN A 428 16.15 9.42 0.98
C GLN A 428 15.14 9.70 -0.15
N VAL A 429 15.15 8.88 -1.21
CA VAL A 429 14.29 9.09 -2.40
C VAL A 429 12.82 9.01 -1.97
N ILE A 430 12.47 8.03 -1.14
CA ILE A 430 11.05 7.86 -0.71
C ILE A 430 10.64 9.04 0.13
N THR A 431 11.49 9.44 1.10
CA THR A 431 11.17 10.58 1.98
C THR A 431 10.99 11.86 1.14
N ARG A 432 11.87 12.09 0.17
CA ARG A 432 11.78 13.28 -0.72
C ARG A 432 10.45 13.25 -1.48
N ASN A 433 10.02 12.09 -1.99
CA ASN A 433 8.70 11.95 -2.68
C ASN A 433 7.56 12.35 -1.72
N GLN A 434 7.67 11.91 -0.46
CA GLN A 434 6.63 12.14 0.57
C GLN A 434 6.60 13.62 0.95
N VAL A 435 7.77 14.26 1.03
CA VAL A 435 7.81 15.72 1.28
C VAL A 435 7.11 16.44 0.11
N ARG A 436 7.39 16.07 -1.13
CA ARG A 436 6.75 16.74 -2.30
C ARG A 436 5.23 16.56 -2.23
N LEU A 437 4.73 15.38 -1.86
CA LEU A 437 3.24 15.26 -1.78
C LEU A 437 2.68 16.05 -0.58
N ALA A 438 3.38 16.04 0.55
CA ALA A 438 2.92 16.79 1.73
C ALA A 438 2.89 18.29 1.43
N GLU A 439 3.88 18.80 0.69
CA GLU A 439 4.00 20.27 0.43
C GLU A 439 2.85 20.69 -0.50
N VAL A 440 2.45 19.84 -1.44
CA VAL A 440 1.41 20.22 -2.42
C VAL A 440 -0.01 20.06 -1.83
N TRP A 441 -0.29 18.96 -1.12
CA TRP A 441 -1.69 18.53 -0.83
C TRP A 441 -2.06 18.74 0.64
N MET A 442 -1.15 18.56 1.57
CA MET A 442 -1.57 18.33 2.98
C MET A 442 -1.78 19.65 3.75
N ASP A 443 -1.55 20.80 3.13
CA ASP A 443 -1.75 22.10 3.82
C ASP A 443 -1.09 22.05 5.22
N GLU A 444 -1.79 22.49 6.27
CA GLU A 444 -1.16 22.66 7.62
C GLU A 444 -0.86 21.27 8.22
N TYR A 445 -1.49 20.20 7.74
CA TYR A 445 -1.31 18.83 8.30
C TYR A 445 0.02 18.23 7.89
N LYS A 446 0.78 18.85 7.00
CA LYS A 446 2.13 18.33 6.65
C LYS A 446 3.05 18.34 7.87
N GLU A 447 2.83 19.24 8.82
CA GLU A 447 3.70 19.35 10.01
C GLU A 447 3.54 18.10 10.91
N ILE A 448 2.38 17.43 10.87
CA ILE A 448 2.14 16.18 11.67
C ILE A 448 3.12 15.13 11.16
N PHE A 449 3.24 15.01 9.85
CA PHE A 449 4.18 14.08 9.19
C PHE A 449 5.63 14.49 9.48
N TYR A 450 5.97 15.78 9.34
CA TYR A 450 7.37 16.26 9.51
C TYR A 450 7.87 15.97 10.94
N ARG A 451 7.04 16.06 11.94
CA ARG A 451 7.42 15.85 13.37
C ARG A 451 7.73 14.38 13.61
N ARG A 452 7.15 13.47 12.81
CA ARG A 452 7.28 12.00 12.97
C ARG A 452 8.40 11.42 12.13
N ASN A 453 8.87 12.14 11.11
CA ASN A 453 9.91 11.67 10.15
C ASN A 453 10.97 12.76 10.08
N THR A 454 11.99 12.68 10.92
CA THR A 454 13.07 13.66 11.07
C THR A 454 13.76 13.89 9.71
N GLU A 455 13.99 12.84 8.93
CA GLU A 455 14.60 12.97 7.58
C GLU A 455 13.71 13.88 6.73
N ALA A 456 12.39 13.79 6.85
CA ALA A 456 11.48 14.66 6.08
C ALA A 456 11.62 16.10 6.54
N ALA A 457 11.63 16.37 7.86
CA ALA A 457 11.81 17.72 8.40
C ALA A 457 13.09 18.38 7.83
N LYS A 458 14.17 17.62 7.77
CA LYS A 458 15.50 18.00 7.26
C LYS A 458 15.42 18.36 5.76
N ILE A 459 14.81 17.50 4.95
CA ILE A 459 14.62 17.75 3.49
C ILE A 459 13.86 19.06 3.32
N VAL A 460 12.89 19.34 4.19
CA VAL A 460 12.10 20.59 4.11
C VAL A 460 13.01 21.78 4.46
N LYS A 461 13.78 21.67 5.55
CA LYS A 461 14.57 22.82 6.08
C LYS A 461 15.69 23.15 5.07
N GLN A 462 16.31 22.14 4.46
CA GLN A 462 17.40 22.26 3.47
C GLN A 462 16.85 22.55 2.06
N LYS A 463 15.52 22.49 1.89
CA LYS A 463 14.80 22.77 0.62
C LYS A 463 15.39 21.93 -0.50
N THR A 464 15.56 20.64 -0.27
CA THR A 464 16.13 19.67 -1.23
C THR A 464 15.03 18.88 -1.92
N PHE A 465 13.75 19.24 -1.75
CA PHE A 465 12.62 18.42 -2.29
C PHE A 465 12.26 18.83 -3.73
N GLY A 466 12.96 19.82 -4.27
CA GLY A 466 12.78 20.31 -5.65
C GLY A 466 11.68 21.35 -5.74
N ASP A 467 11.60 21.96 -6.91
CA ASP A 467 10.50 22.89 -7.26
C ASP A 467 9.19 22.12 -7.29
N ILE A 468 8.14 22.66 -6.69
CA ILE A 468 6.78 22.07 -6.74
C ILE A 468 5.83 23.01 -7.49
N SER A 469 6.34 24.06 -8.17
CA SER A 469 5.45 25.12 -8.72
C SER A 469 4.47 24.49 -9.73
N LYS A 470 4.89 23.50 -10.48
CA LYS A 470 4.02 22.85 -11.51
C LYS A 470 2.85 22.08 -10.84
N ARG A 471 3.10 21.46 -9.70
CA ARG A 471 2.04 20.71 -8.96
C ARG A 471 1.14 21.71 -8.25
N ILE A 472 1.69 22.81 -7.71
CA ILE A 472 0.88 23.91 -7.10
C ILE A 472 0.01 24.54 -8.18
N ASP A 473 0.54 24.82 -9.36
CA ASP A 473 -0.25 25.37 -10.50
C ASP A 473 -1.36 24.38 -10.87
N LEU A 474 -1.07 23.08 -10.90
CA LEU A 474 -2.12 22.06 -11.22
C LEU A 474 -3.24 22.17 -10.20
N ARG A 475 -2.91 22.12 -8.91
CA ARG A 475 -3.87 22.21 -7.79
C ARG A 475 -4.74 23.47 -7.96
N GLN A 476 -4.13 24.58 -8.36
CA GLN A 476 -4.85 25.88 -8.54
C GLN A 476 -5.74 25.75 -9.77
N ARG A 477 -5.22 25.30 -10.90
CA ARG A 477 -6.00 25.23 -12.16
C ARG A 477 -7.20 24.32 -11.98
N LEU A 478 -7.08 23.20 -11.27
CA LEU A 478 -8.21 22.26 -11.07
C LEU A 478 -9.12 22.73 -9.93
N GLN A 479 -8.78 23.82 -9.24
CA GLN A 479 -9.56 24.35 -8.09
C GLN A 479 -9.83 23.22 -7.08
N CYS A 480 -8.79 22.48 -6.73
CA CYS A 480 -8.86 21.35 -5.74
C CYS A 480 -9.26 21.87 -4.37
N LYS A 481 -10.00 21.06 -3.62
CA LYS A 481 -10.32 21.31 -2.22
C LYS A 481 -9.07 21.10 -1.36
N ASN A 482 -9.12 21.58 -0.11
CA ASN A 482 -7.95 21.52 0.77
C ASN A 482 -7.99 20.25 1.60
N PHE A 483 -6.92 20.03 2.37
CA PHE A 483 -6.75 18.76 3.13
C PHE A 483 -7.73 18.68 4.27
N THR A 484 -8.16 19.82 4.85
CA THR A 484 -9.26 19.82 5.85
C THR A 484 -10.50 19.20 5.21
N TRP A 485 -10.80 19.62 3.98
CA TRP A 485 -11.99 19.10 3.23
C TRP A 485 -11.83 17.58 3.02
N TYR A 486 -10.62 17.13 2.65
CA TYR A 486 -10.30 15.69 2.46
C TYR A 486 -10.60 14.90 3.74
N LEU A 487 -10.03 15.36 4.85
CA LEU A 487 -10.21 14.67 6.14
C LEU A 487 -11.69 14.71 6.55
N SER A 488 -12.41 15.81 6.36
CA SER A 488 -13.84 15.93 6.78
C SER A 488 -14.74 15.04 5.93
N ASN A 489 -14.50 14.97 4.62
CA ASN A 489 -15.43 14.43 3.59
C ASN A 489 -15.04 13.01 3.17
N VAL A 490 -13.76 12.70 3.09
CA VAL A 490 -13.30 11.38 2.57
C VAL A 490 -12.92 10.46 3.72
N TYR A 491 -12.27 10.99 4.74
CA TYR A 491 -11.70 10.16 5.83
C TYR A 491 -12.10 10.73 7.20
N PRO A 492 -13.43 10.89 7.45
CA PRO A 492 -13.88 11.45 8.72
C PRO A 492 -13.59 10.56 9.94
N GLU A 493 -13.27 9.29 9.71
CA GLU A 493 -12.88 8.31 10.76
C GLU A 493 -11.40 8.48 11.12
N ALA A 494 -10.60 9.28 10.40
CA ALA A 494 -9.12 9.28 10.61
C ALA A 494 -8.85 9.68 12.05
N TYR A 495 -7.84 9.14 12.69
CA TYR A 495 -7.26 9.78 13.89
C TYR A 495 -6.43 10.93 13.36
N VAL A 496 -6.67 12.14 13.83
CA VAL A 496 -5.84 13.31 13.44
C VAL A 496 -5.11 13.81 14.68
N PRO A 497 -3.79 13.62 14.81
CA PRO A 497 -3.05 14.24 15.91
C PRO A 497 -3.14 15.79 15.95
N ASP A 498 -2.78 16.38 17.09
CA ASP A 498 -2.64 17.87 17.22
C ASP A 498 -1.70 18.39 16.16
N LEU A 499 -2.08 19.50 15.51
CA LEU A 499 -1.19 20.27 14.60
C LEU A 499 0.05 20.76 15.34
N ASN A 500 -0.16 21.24 16.56
CA ASN A 500 0.89 21.88 17.40
C ASN A 500 0.90 21.18 18.74
N PRO A 501 1.53 19.99 18.87
CA PRO A 501 1.44 19.22 20.10
C PRO A 501 2.23 19.96 21.18
N LEU A 502 1.91 19.68 22.42
CA LEU A 502 2.57 20.27 23.61
C LEU A 502 4.06 20.00 23.54
N PHE A 503 4.42 18.75 23.27
CA PHE A 503 5.83 18.33 23.23
C PHE A 503 5.97 17.04 22.45
N SER A 504 7.05 16.89 21.65
CA SER A 504 7.37 15.59 21.01
C SER A 504 8.88 15.36 20.89
N GLY A 505 9.27 14.11 20.73
CA GLY A 505 10.67 13.72 20.65
C GLY A 505 10.85 12.28 20.99
N TYR A 506 11.98 11.94 21.59
CA TYR A 506 12.38 10.54 21.85
C TYR A 506 12.63 10.45 23.37
N LEU A 507 12.68 9.25 23.92
CA LEU A 507 12.95 9.01 25.35
C LEU A 507 14.19 8.15 25.42
N LYS A 508 15.30 8.79 25.80
CA LYS A 508 16.63 8.17 25.86
C LYS A 508 16.91 7.79 27.31
N ASN A 509 17.36 6.56 27.53
CA ASN A 509 17.68 6.03 28.88
C ASN A 509 19.15 6.32 29.17
N ILE A 510 19.45 6.94 30.30
CA ILE A 510 20.86 7.22 30.73
C ILE A 510 21.60 5.91 31.00
N GLY A 511 20.96 4.93 31.61
CA GLY A 511 21.60 3.66 31.99
C GLY A 511 22.20 2.92 30.80
N ASN A 512 21.42 2.64 29.76
CA ASN A 512 21.91 1.86 28.60
C ASN A 512 22.14 2.76 27.38
N ARG A 513 21.86 4.06 27.45
CA ARG A 513 22.02 5.04 26.35
C ARG A 513 21.17 4.64 25.12
N MET A 514 20.14 3.81 25.28
CA MET A 514 19.28 3.43 24.16
C MET A 514 17.96 4.20 24.27
N CYS A 515 17.11 4.09 23.25
CA CYS A 515 15.82 4.82 23.19
C CYS A 515 14.67 3.84 23.44
N LEU A 516 13.63 4.31 24.12
CA LEU A 516 12.35 3.62 24.24
C LEU A 516 11.81 3.46 22.82
N ASP A 517 11.27 2.31 22.46
CA ASP A 517 10.99 1.96 21.04
C ASP A 517 9.77 1.04 21.05
N VAL A 518 8.76 1.35 20.25
CA VAL A 518 7.52 0.53 20.23
C VAL A 518 7.76 -0.82 19.53
N GLY A 519 8.90 -1.02 18.89
CA GLY A 519 9.17 -2.23 18.09
C GLY A 519 8.25 -2.34 16.87
N GLU A 520 8.44 -3.41 16.10
CA GLU A 520 7.71 -3.66 14.82
C GLU A 520 6.28 -4.04 15.14
N ASN A 521 5.35 -3.48 14.39
CA ASN A 521 3.92 -3.91 14.35
C ASN A 521 3.32 -3.84 15.74
N ASN A 522 3.55 -2.73 16.44
CA ASN A 522 2.89 -2.49 17.75
C ASN A 522 1.64 -1.65 17.50
N HIS A 523 0.47 -2.28 17.50
CA HIS A 523 -0.85 -1.59 17.35
C HIS A 523 -1.55 -1.58 18.71
N GLY A 524 -0.79 -1.84 19.77
CA GLY A 524 -1.28 -1.90 21.16
C GLY A 524 -1.15 -3.30 21.70
N GLY A 525 -1.25 -3.46 23.01
CA GLY A 525 -1.24 -4.75 23.70
C GLY A 525 0.12 -5.43 23.68
N LYS A 526 1.18 -4.80 23.19
CA LYS A 526 2.53 -5.43 23.15
C LYS A 526 3.50 -4.62 24.00
N PRO A 527 4.52 -5.27 24.61
CA PRO A 527 5.52 -4.59 25.41
C PRO A 527 6.39 -3.71 24.48
N LEU A 528 7.16 -2.79 25.06
CA LEU A 528 8.09 -1.93 24.30
C LEU A 528 9.48 -2.57 24.41
N ILE A 529 10.42 -2.08 23.64
CA ILE A 529 11.85 -2.52 23.67
C ILE A 529 12.72 -1.29 23.81
N MET A 530 13.98 -1.52 24.13
CA MET A 530 15.06 -0.50 24.12
C MET A 530 15.82 -0.73 22.83
N TYR A 531 16.11 0.33 22.08
CA TYR A 531 16.73 0.19 20.73
C TYR A 531 17.67 1.37 20.54
N SER A 532 18.74 1.13 19.80
CA SER A 532 19.73 2.17 19.47
C SER A 532 18.99 3.44 19.04
N CYS A 533 19.39 4.60 19.57
CA CYS A 533 18.81 5.92 19.26
C CYS A 533 19.18 6.27 17.82
N HIS A 534 18.20 6.38 16.92
CA HIS A 534 18.44 6.69 15.49
C HIS A 534 18.09 8.13 15.15
N GLY A 535 17.33 8.85 15.96
CA GLY A 535 17.02 10.26 15.68
C GLY A 535 16.05 10.45 14.51
N LEU A 536 15.44 9.37 14.01
CA LEU A 536 14.58 9.38 12.79
C LEU A 536 13.12 9.56 13.11
N GLY A 537 12.70 9.47 14.38
CA GLY A 537 11.27 9.50 14.75
C GLY A 537 10.69 8.11 14.63
N GLY A 538 9.59 7.93 13.90
CA GLY A 538 9.06 6.59 13.64
C GLY A 538 8.77 5.84 14.93
N ASN A 539 9.38 4.68 15.11
CA ASN A 539 9.11 3.78 16.27
C ASN A 539 9.68 4.37 17.55
N GLN A 540 10.43 5.48 17.48
CA GLN A 540 10.97 6.15 18.69
C GLN A 540 10.24 7.46 18.91
N TYR A 541 9.17 7.73 18.18
CA TYR A 541 8.40 8.98 18.32
C TYR A 541 7.43 8.89 19.50
N PHE A 542 7.49 9.85 20.43
CA PHE A 542 6.53 9.98 21.56
C PHE A 542 6.17 11.45 21.72
N GLU A 543 4.92 11.73 22.06
CA GLU A 543 4.42 13.05 22.41
C GLU A 543 4.03 13.04 23.88
N TYR A 544 4.07 14.22 24.51
CA TYR A 544 3.52 14.43 25.87
C TYR A 544 2.27 15.29 25.68
N SER A 545 1.18 14.94 26.32
CA SER A 545 -0.14 15.62 26.18
C SER A 545 -0.41 16.46 27.44
N ALA A 546 -1.40 17.35 27.38
CA ALA A 546 -1.87 18.18 28.50
C ALA A 546 -2.43 17.29 29.62
N HIS A 547 -2.83 16.05 29.31
CA HIS A 547 -3.38 15.08 30.30
C HIS A 547 -2.29 14.14 30.81
N HIS A 548 -1.02 14.48 30.61
CA HIS A 548 0.18 13.77 31.13
C HIS A 548 0.28 12.40 30.44
N GLU A 549 -0.27 12.26 29.22
CA GLU A 549 -0.09 11.00 28.47
C GLU A 549 1.24 11.04 27.72
N ILE A 550 1.85 9.88 27.53
CA ILE A 550 2.99 9.66 26.62
C ILE A 550 2.41 8.84 25.47
N ARG A 551 2.11 9.51 24.36
CA ARG A 551 1.41 8.98 23.17
C ARG A 551 2.45 8.55 22.14
N HIS A 552 2.24 7.38 21.52
CA HIS A 552 2.84 7.00 20.22
C HIS A 552 1.70 6.95 19.20
N ASN A 553 1.56 8.01 18.41
CA ASN A 553 0.35 8.27 17.60
C ASN A 553 0.74 8.48 16.12
N ILE A 554 1.21 7.44 15.46
CA ILE A 554 1.50 7.40 14.00
C ILE A 554 0.26 6.88 13.26
N GLN A 555 -0.33 5.76 13.70
CA GLN A 555 -1.57 5.17 13.13
C GLN A 555 -2.70 5.31 14.15
N LYS A 556 -2.73 4.49 15.20
CA LYS A 556 -3.73 4.64 16.29
C LYS A 556 -3.20 5.59 17.36
N GLU A 557 -4.09 6.16 18.15
CA GLU A 557 -3.73 6.93 19.36
C GLU A 557 -3.44 5.94 20.51
N LEU A 558 -2.17 5.59 20.67
CA LEU A 558 -1.64 4.68 21.71
C LEU A 558 -0.94 5.46 22.81
N CYS A 559 -1.04 4.95 24.05
CA CYS A 559 -0.61 5.61 25.31
C CYS A 559 0.24 4.60 26.06
N LEU A 560 1.39 5.04 26.57
CA LEU A 560 2.19 4.25 27.53
C LEU A 560 1.28 3.96 28.71
N HIS A 561 1.15 2.69 29.08
CA HIS A 561 0.11 2.20 30.02
C HIS A 561 0.79 1.38 31.11
N ALA A 562 0.77 1.88 32.33
CA ALA A 562 1.53 1.29 33.47
C ALA A 562 0.81 0.00 33.93
N SER A 563 1.57 -1.01 34.27
CA SER A 563 1.17 -2.35 34.76
C SER A 563 2.29 -2.84 35.66
N LYS A 564 2.06 -3.94 36.36
CA LYS A 564 3.09 -4.66 37.16
C LYS A 564 4.15 -5.23 36.21
N GLY A 565 3.77 -5.71 35.01
CA GLY A 565 4.77 -6.36 34.13
C GLY A 565 5.66 -5.39 33.33
N PRO A 566 6.01 -5.79 32.11
CA PRO A 566 6.42 -4.85 31.06
C PRO A 566 5.36 -3.74 30.88
N VAL A 567 5.80 -2.49 30.77
CA VAL A 567 4.87 -1.39 30.40
C VAL A 567 4.29 -1.77 29.03
N GLN A 568 3.09 -1.36 28.72
CA GLN A 568 2.54 -1.63 27.36
C GLN A 568 2.07 -0.32 26.72
N LEU A 569 1.82 -0.38 25.42
CA LEU A 569 1.00 0.59 24.69
C LEU A 569 -0.43 0.09 24.70
N ARG A 570 -1.37 0.97 25.00
CA ARG A 570 -2.82 0.69 24.84
C ARG A 570 -3.49 1.86 24.12
N GLU A 571 -4.64 1.61 23.50
CA GLU A 571 -5.46 2.69 22.90
C GLU A 571 -5.76 3.69 24.01
N CYS A 572 -5.47 4.96 23.81
CA CYS A 572 -5.64 5.96 24.89
C CYS A 572 -7.10 6.00 25.31
N THR A 573 -7.39 6.05 26.62
CA THR A 573 -8.79 6.18 27.13
C THR A 573 -9.25 7.61 26.90
N TYR A 574 -8.37 8.62 26.98
CA TYR A 574 -8.78 10.02 26.70
C TYR A 574 -8.93 10.20 25.18
N LYS A 575 -10.13 10.58 24.74
CA LYS A 575 -10.37 10.89 23.30
C LYS A 575 -11.56 11.83 23.14
N GLY A 576 -11.72 12.84 24.00
CA GLY A 576 -12.86 13.78 23.87
C GLY A 576 -13.47 14.16 25.20
N GLN A 577 -14.48 15.02 25.16
CA GLN A 577 -14.89 15.91 26.29
C GLN A 577 -15.35 15.07 27.47
N LYS A 578 -16.15 14.04 27.23
CA LYS A 578 -16.72 13.21 28.33
C LYS A 578 -15.54 12.47 29.00
N THR A 579 -14.66 11.86 28.19
CA THR A 579 -13.68 10.84 28.64
C THR A 579 -12.55 11.49 29.45
N PHE A 580 -11.71 10.66 30.06
CA PHE A 580 -10.58 11.04 30.96
C PHE A 580 -9.37 10.17 30.60
N ALA A 581 -8.17 10.69 30.86
CA ALA A 581 -6.92 9.89 30.89
C ALA A 581 -6.84 9.13 32.22
N VAL A 582 -6.87 7.79 32.18
CA VAL A 582 -6.84 6.94 33.40
C VAL A 582 -5.45 7.00 34.03
N GLY A 583 -5.35 6.70 35.31
CA GLY A 583 -4.09 6.79 36.07
C GLY A 583 -2.94 6.04 35.42
N GLU A 584 -3.20 4.86 34.88
CA GLU A 584 -2.17 3.98 34.30
C GLU A 584 -1.51 4.69 33.08
N GLU A 585 -2.17 5.71 32.51
CA GLU A 585 -1.72 6.41 31.26
C GLU A 585 -1.26 7.84 31.59
N GLN A 586 -1.13 8.18 32.87
CA GLN A 586 -0.61 9.50 33.29
C GLN A 586 0.81 9.35 33.85
N TRP A 587 1.72 10.20 33.39
CA TRP A 587 3.16 10.11 33.70
C TRP A 587 3.68 11.50 34.03
N LEU A 588 4.61 11.55 34.99
CA LEU A 588 5.30 12.80 35.39
C LEU A 588 6.78 12.59 35.09
N HIS A 589 7.40 13.48 34.31
CA HIS A 589 8.88 13.44 34.10
C HIS A 589 9.44 14.35 35.18
N GLN A 590 10.06 13.78 36.20
CA GLN A 590 10.41 14.48 37.47
C GLN A 590 11.79 15.15 37.34
N LYS A 591 12.13 15.99 38.32
CA LYS A 591 13.40 16.76 38.30
C LYS A 591 14.60 15.81 38.35
N ASP A 592 14.45 14.61 38.92
CA ASP A 592 15.52 13.59 38.99
C ASP A 592 15.55 12.76 37.70
N GLN A 593 14.80 13.17 36.66
CA GLN A 593 14.80 12.55 35.30
C GLN A 593 14.00 11.21 35.29
N THR A 594 13.32 10.86 36.38
CA THR A 594 12.51 9.63 36.45
C THR A 594 11.15 9.87 35.76
N LEU A 595 10.60 8.81 35.18
CA LEU A 595 9.23 8.80 34.60
C LEU A 595 8.32 8.09 35.61
N TYR A 596 7.52 8.87 36.30
CA TYR A 596 6.74 8.43 37.48
C TYR A 596 5.27 8.22 37.08
N ASN A 597 4.77 7.05 37.41
CA ASN A 597 3.33 6.75 37.22
C ASN A 597 2.64 7.04 38.54
N GLU A 598 1.65 7.93 38.50
CA GLU A 598 1.00 8.50 39.70
C GLU A 598 0.15 7.37 40.36
N ALA A 599 -0.63 6.64 39.55
CA ALA A 599 -1.49 5.48 39.93
C ALA A 599 -0.70 4.37 40.64
N LEU A 600 0.41 3.91 40.10
CA LEU A 600 1.13 2.74 40.68
C LEU A 600 2.24 3.19 41.63
N HIS A 601 2.51 4.49 41.76
CA HIS A 601 3.60 5.01 42.64
C HIS A 601 4.90 4.31 42.29
N MET A 602 5.24 4.20 40.99
CA MET A 602 6.48 3.54 40.54
C MET A 602 7.02 4.25 39.29
N CYS A 603 8.25 3.95 38.91
CA CYS A 603 9.07 4.69 37.91
C CYS A 603 9.43 3.69 36.82
N LEU A 604 9.51 4.17 35.57
CA LEU A 604 9.86 3.31 34.44
C LEU A 604 11.34 3.02 34.47
N THR A 605 11.72 1.76 34.32
CA THR A 605 13.15 1.37 34.23
C THR A 605 13.40 0.84 32.83
N GLY A 606 14.55 1.20 32.26
CA GLY A 606 15.00 0.78 30.92
C GLY A 606 15.90 -0.45 30.96
N ASN A 607 16.04 -1.08 32.12
CA ASN A 607 16.75 -2.38 32.30
C ASN A 607 15.82 -3.55 31.88
N GLY A 608 16.39 -4.75 31.67
CA GLY A 608 15.64 -5.98 31.26
C GLY A 608 15.37 -6.02 29.76
N GLU A 609 14.65 -7.03 29.25
CA GLU A 609 14.30 -7.05 27.80
C GLU A 609 13.30 -5.92 27.56
N HIS A 610 12.31 -5.79 28.45
CA HIS A 610 11.19 -4.84 28.31
C HIS A 610 11.22 -3.82 29.44
N PRO A 611 11.11 -2.54 29.10
CA PRO A 611 10.91 -1.50 30.10
C PRO A 611 9.75 -1.87 31.02
N SER A 612 9.92 -1.65 32.30
CA SER A 612 8.98 -2.10 33.35
C SER A 612 8.93 -1.05 34.48
N LEU A 613 7.95 -1.14 35.34
CA LEU A 613 7.80 -0.30 36.55
C LEU A 613 8.62 -0.87 37.70
N ALA A 614 9.30 -0.02 38.44
CA ALA A 614 10.12 -0.44 39.59
C ALA A 614 9.99 0.58 40.70
N SER A 615 10.32 0.16 41.90
CA SER A 615 10.34 1.09 43.05
C SER A 615 11.24 2.26 42.64
N CYS A 616 10.81 3.51 42.83
CA CYS A 616 11.51 4.73 42.36
C CYS A 616 12.88 4.83 43.05
N ASN A 617 13.93 4.93 42.25
CA ASN A 617 15.32 5.03 42.76
C ASN A 617 16.11 5.93 41.82
N PRO A 618 16.11 7.27 42.07
CA PRO A 618 16.74 8.25 41.20
C PRO A 618 18.25 8.10 41.04
N SER A 619 18.91 7.34 41.91
CA SER A 619 20.33 6.92 41.78
C SER A 619 20.50 5.88 40.67
N ASP A 620 19.43 5.18 40.31
CA ASP A 620 19.52 4.09 39.32
C ASP A 620 19.50 4.76 37.94
N PRO A 621 20.62 4.75 37.21
CA PRO A 621 20.68 5.39 35.89
C PRO A 621 19.67 4.79 34.90
N PHE A 622 19.25 3.54 35.12
CA PHE A 622 18.26 2.85 34.26
C PHE A 622 16.88 3.48 34.47
N GLN A 623 16.70 4.30 35.51
CA GLN A 623 15.41 5.00 35.78
C GLN A 623 15.46 6.47 35.36
N LYS A 624 16.58 6.91 34.77
CA LYS A 624 16.75 8.34 34.40
C LYS A 624 16.54 8.43 32.89
N TRP A 625 15.68 9.34 32.47
CA TRP A 625 15.25 9.47 31.06
C TRP A 625 15.49 10.90 30.59
N ILE A 626 15.95 11.05 29.36
CA ILE A 626 15.89 12.36 28.67
C ILE A 626 14.77 12.31 27.63
N PHE A 627 13.88 13.25 27.68
CA PHE A 627 12.80 13.44 26.68
C PHE A 627 13.35 14.48 25.71
N GLY A 628 14.11 14.00 24.75
CA GLY A 628 14.89 14.83 23.80
C GLY A 628 14.06 15.24 22.62
N GLN A 629 14.42 16.37 22.01
CA GLN A 629 13.78 16.88 20.79
C GLN A 629 14.73 16.60 19.63
N ASN A 630 14.20 16.23 18.47
CA ASN A 630 14.98 15.80 17.28
C ASN A 630 15.72 17.01 16.68
N ASN B 1 17.80 2.17 12.74
CA ASN B 1 18.72 1.22 12.01
C ASN B 1 17.91 0.41 10.99
N THR B 2 16.71 0.00 11.38
CA THR B 2 15.57 -0.23 10.46
C THR B 2 15.10 1.14 9.96
N PRO B 3 14.58 1.21 8.72
CA PRO B 3 13.96 2.44 8.22
C PRO B 3 12.50 2.57 8.68
N ILE B 4 11.86 3.70 8.34
CA ILE B 4 10.45 4.00 8.71
C ILE B 4 9.56 3.11 7.84
N PRO B 5 8.97 2.01 8.39
CA PRO B 5 8.48 0.86 7.60
C PRO B 5 7.79 1.10 6.23
N ARG B 6 8.36 0.49 5.17
CA ARG B 6 7.89 0.44 3.75
C ARG B 6 8.92 -0.34 2.90
N ARG B 7 8.84 -0.31 1.56
CA ARG B 7 9.77 -0.93 0.56
C ARG B 7 8.97 -1.87 -0.37
N HIS B 8 8.08 -2.69 0.20
CA HIS B 8 7.07 -3.53 -0.50
C HIS B 8 5.70 -3.20 0.13
N THR B 9 4.64 -3.07 -0.65
CA THR B 9 3.26 -2.84 -0.14
C THR B 9 2.86 -4.03 0.75
N ARG B 10 2.13 -3.80 1.86
CA ARG B 10 1.61 -4.92 2.69
C ARG B 10 0.22 -5.32 2.18
N SER B 11 -0.16 -6.59 2.44
CA SER B 11 -1.50 -7.19 2.17
C SER B 11 -2.39 -7.04 3.42
N ALA B 12 -3.69 -7.30 3.27
CA ALA B 12 -4.73 -7.17 4.32
C ALA B 12 -4.76 -8.42 5.21
C1 EDO C . -24.41 -17.44 -9.39
O1 EDO C . -25.08 -18.08 -10.47
C2 EDO C . -23.35 -18.33 -8.83
O2 EDO C . -22.93 -18.14 -7.49
C1 EDO D . -21.52 0.75 -18.71
O1 EDO D . -22.47 1.39 -19.54
C2 EDO D . -20.79 -0.27 -19.52
O2 EDO D . -21.26 -1.58 -19.28
C1 EDO E . -14.43 18.83 -5.68
O1 EDO E . -14.20 17.89 -4.64
C2 EDO E . -13.19 19.45 -6.19
O2 EDO E . -13.35 20.04 -7.47
C1 EDO F . -3.83 7.61 10.32
O1 EDO F . -3.69 6.24 10.11
C2 EDO F . -5.08 7.93 11.01
O2 EDO F . -6.22 7.63 10.28
C1 EDO G . -16.06 7.77 1.71
O1 EDO G . -17.06 8.71 1.44
C2 EDO G . -14.72 8.17 1.23
O2 EDO G . -13.68 7.40 1.83
C1 EDO H . -4.04 18.89 -17.13
O1 EDO H . -4.93 19.52 -16.22
C2 EDO H . -2.69 19.49 -17.21
O2 EDO H . -1.76 18.90 -16.32
C1 EDO I . 9.30 16.35 29.11
O1 EDO I . 10.23 16.12 30.17
C2 EDO I . 7.97 16.87 29.53
O2 EDO I . 8.03 18.13 30.18
C1 EDO J . 13.73 19.21 32.06
O1 EDO J . 12.85 19.99 31.32
C2 EDO J . 15.15 19.23 31.66
O2 EDO J . 16.05 19.59 32.66
C1 EDO K . 13.47 16.12 29.45
O1 EDO K . 14.59 15.39 29.34
C2 EDO K . 13.48 17.39 28.71
O2 EDO K . 12.25 18.09 28.99
C1 EDO L . 21.27 10.17 20.74
O1 EDO L . 22.06 8.98 20.74
C2 EDO L . 21.49 10.96 21.97
O2 EDO L . 21.02 12.26 21.89
C1 EDO M . 13.34 16.05 33.23
O1 EDO M . 14.30 16.45 32.22
C2 EDO M . 12.26 17.03 33.61
O2 EDO M . 11.47 17.51 32.52
C1 EDO N . -3.28 -37.82 -9.09
O1 EDO N . -4.38 -37.05 -9.62
C2 EDO N . -2.26 -37.07 -8.27
O2 EDO N . -1.03 -37.77 -8.05
C1 EDO O . 9.17 22.04 9.77
O1 EDO O . 8.93 20.72 10.18
C2 EDO O . 10.15 22.10 8.65
O2 EDO O . 11.31 21.28 8.81
C1 EDO P . -22.13 -1.47 -11.92
O1 EDO P . -21.70 -1.87 -13.21
C2 EDO P . -21.10 -0.62 -11.24
O2 EDO P . -20.21 0.00 -12.16
S SO4 Q . -12.00 23.66 -13.20
O1 SO4 Q . -12.58 24.69 -14.03
O2 SO4 Q . -11.15 24.29 -12.21
O3 SO4 Q . -11.20 22.77 -14.01
O4 SO4 Q . -13.04 22.91 -12.53
N1 UDP R . 9.83 -1.44 -10.45
C2 UDP R . 10.47 -0.66 -11.45
N3 UDP R . 11.68 -0.12 -11.28
C4 UDP R . 12.34 -0.28 -10.14
C5 UDP R . 11.77 -1.05 -9.12
C6 UDP R . 10.49 -1.62 -9.30
O2 UDP R . 9.96 -0.43 -12.53
O4 UDP R . 13.48 0.25 -10.05
C1' UDP R . 8.49 -2.02 -10.70
C2' UDP R . 8.34 -3.49 -10.34
O2' UDP R . 8.92 -4.25 -11.37
C3' UDP R . 6.83 -3.64 -10.13
C4' UDP R . 6.46 -2.30 -9.51
O4' UDP R . 7.48 -1.37 -9.95
O3' UDP R . 6.07 -3.85 -11.34
C5' UDP R . 6.41 -2.25 -7.97
O5' UDP R . 7.57 -2.82 -7.33
PA UDP R . 7.39 -4.07 -6.35
O1A UDP R . 8.64 -4.63 -5.71
O2A UDP R . 6.44 -5.15 -6.91
O3A UDP R . 6.57 -3.21 -5.21
PB UDP R . 5.36 -3.79 -4.30
O1B UDP R . 4.82 -2.56 -3.61
O2B UDP R . 6.04 -4.90 -3.48
O3B UDP R . 4.41 -4.37 -5.35
MN MN S . 4.54 -6.05 -6.64
C1 NAG T . -10.27 24.52 3.76
C2 NAG T . -10.07 25.88 4.43
C3 NAG T . -11.15 26.07 5.46
C4 NAG T . -12.52 25.84 4.82
C5 NAG T . -12.58 24.50 4.09
C6 NAG T . -13.95 24.24 3.51
C7 NAG T . -7.79 26.82 4.80
C8 NAG T . -6.53 26.69 5.60
N2 NAG T . -8.75 25.94 5.08
O3 NAG T . -10.97 27.41 5.94
O4 NAG T . -13.48 25.71 5.85
O5 NAG T . -11.53 24.46 3.10
O6 NAG T . -13.90 23.03 2.74
O7 NAG T . -7.92 27.68 3.95
C1 GOL U . -17.89 -10.90 -16.79
O1 GOL U . -18.85 -10.58 -17.82
C2 GOL U . -18.44 -11.05 -15.38
O2 GOL U . -17.93 -12.21 -14.68
C3 GOL U . -18.21 -9.79 -14.55
O3 GOL U . -17.08 -9.81 -13.68
C1 NGA V . 12.79 -0.16 12.70
C2 NGA V . 12.74 1.14 13.60
C3 NGA V . 13.45 0.99 14.92
C4 NGA V . 13.04 -0.32 15.55
C5 NGA V . 13.29 -1.48 14.59
C6 NGA V . 12.92 -2.82 15.22
C7 NGA V . 12.45 3.42 12.74
C8 NGA V . 13.12 4.58 12.06
N2 NGA V . 13.22 2.35 12.90
O3 NGA V . 13.07 2.11 15.75
O4 NGA V . 11.63 -0.31 15.92
O5 NGA V . 12.42 -1.33 13.46
O6 NGA V . 13.03 -3.87 14.25
O7 NGA V . 11.28 3.51 13.12
#